data_8JZT
#
_entry.id   8JZT
#
_cell.length_a   134.531
_cell.length_b   79.550
_cell.length_c   77.598
_cell.angle_alpha   90.00
_cell.angle_beta   91.93
_cell.angle_gamma   90.00
#
_symmetry.space_group_name_H-M   'C 1 2 1'
#
loop_
_entity.id
_entity.type
_entity.pdbx_description
1 polymer 'RNA polymerase sigma factor SigF'
2 polymer 'Anti-sigma-F factor RsbW'
3 water water
#
loop_
_entity_poly.entity_id
_entity_poly.type
_entity_poly.pdbx_seq_one_letter_code
_entity_poly.pdbx_strand_id
1 'polypeptide(L)' VDAGLDQIENREVLRPLLEALPERERTVLVLRFFDSMTQTQIAERVGISQMHVSRLLAKSLARLRDQLE A,C,E
2 'polypeptide(L)'
;MADLNWMQRGVRAVELNVAARLENLALLRTLVGAIGTFEDLDFDAVADLRLAVDEVCTRLIRSALPDATLRLVVDPRKDE
VVVEASAACDTHDVVAPGSFSWHVLTALADDVQTFHDGRQPDVAGSVFGITLTARRAASSR
;
B,D,F
#
# COMPACT_ATOMS: atom_id res chain seq x y z
N GLU A 12 -18.64 -24.39 -16.43
CA GLU A 12 -18.24 -25.45 -17.36
C GLU A 12 -17.45 -26.53 -16.65
N VAL A 13 -16.58 -26.10 -15.72
CA VAL A 13 -15.81 -27.07 -14.93
C VAL A 13 -16.73 -27.87 -14.03
N LEU A 14 -17.78 -27.23 -13.51
CA LEU A 14 -18.67 -27.92 -12.58
C LEU A 14 -19.53 -28.97 -13.28
N ARG A 15 -19.84 -28.76 -14.56
CA ARG A 15 -20.79 -29.63 -15.26
C ARG A 15 -20.42 -31.11 -15.20
N PRO A 16 -19.20 -31.54 -15.58
CA PRO A 16 -18.88 -32.97 -15.39
C PRO A 16 -19.04 -33.43 -13.97
N LEU A 17 -18.63 -32.59 -13.01
CA LEU A 17 -18.73 -32.98 -11.61
C LEU A 17 -20.18 -33.09 -11.16
N LEU A 18 -21.05 -32.22 -11.70
CA LEU A 18 -22.47 -32.30 -11.35
C LEU A 18 -23.11 -33.54 -11.95
N GLU A 19 -22.76 -33.88 -13.20
CA GLU A 19 -23.27 -35.12 -13.78
C GLU A 19 -22.82 -36.33 -12.99
N ALA A 20 -21.67 -36.25 -12.33
CA ALA A 20 -21.20 -37.35 -11.50
C ALA A 20 -21.96 -37.46 -10.18
N LEU A 21 -22.66 -36.39 -9.78
CA LEU A 21 -23.43 -36.44 -8.55
C LEU A 21 -24.59 -37.42 -8.70
N PRO A 22 -25.03 -38.03 -7.60
CA PRO A 22 -26.30 -38.75 -7.63
C PRO A 22 -27.41 -37.82 -8.09
N GLU A 23 -28.37 -38.38 -8.83
CA GLU A 23 -29.32 -37.55 -9.56
C GLU A 23 -30.07 -36.59 -8.64
N ARG A 24 -30.52 -37.06 -7.47
CA ARG A 24 -31.27 -36.16 -6.62
C ARG A 24 -30.37 -35.13 -5.96
N GLU A 25 -29.11 -35.48 -5.68
CA GLU A 25 -28.16 -34.49 -5.21
C GLU A 25 -27.98 -33.37 -6.22
N ARG A 26 -27.89 -33.72 -7.50
CA ARG A 26 -27.67 -32.70 -8.53
C ARG A 26 -28.86 -31.76 -8.64
N THR A 27 -30.07 -32.32 -8.69
CA THR A 27 -31.26 -31.49 -8.80
C THR A 27 -31.31 -30.47 -7.67
N VAL A 28 -31.03 -30.94 -6.45
CA VAL A 28 -31.15 -30.07 -5.28
C VAL A 28 -30.05 -29.01 -5.30
N LEU A 29 -28.82 -29.40 -5.65
CA LEU A 29 -27.74 -28.42 -5.75
C LEU A 29 -28.03 -27.33 -6.77
N VAL A 30 -28.53 -27.71 -7.94
CA VAL A 30 -28.78 -26.72 -9.00
C VAL A 30 -29.95 -25.81 -8.61
N LEU A 31 -30.99 -26.37 -8.01
CA LEU A 31 -32.11 -25.53 -7.60
C LEU A 31 -31.67 -24.51 -6.55
N ARG A 32 -30.72 -24.88 -5.68
CA ARG A 32 -30.26 -23.93 -4.65
C ARG A 32 -29.33 -22.87 -5.24
N PHE A 33 -28.33 -23.29 -6.00
CA PHE A 33 -27.29 -22.36 -6.37
C PHE A 33 -27.45 -21.76 -7.76
N PHE A 34 -28.26 -22.35 -8.63
CA PHE A 34 -28.55 -21.72 -9.91
C PHE A 34 -29.91 -21.06 -9.97
N ASP A 35 -30.95 -21.71 -9.45
CA ASP A 35 -32.25 -21.08 -9.43
C ASP A 35 -32.48 -20.24 -8.19
N SER A 36 -31.57 -20.30 -7.22
CA SER A 36 -31.64 -19.48 -6.00
C SER A 36 -32.93 -19.73 -5.22
N MET A 37 -33.45 -20.95 -5.26
CA MET A 37 -34.59 -21.30 -4.43
C MET A 37 -34.16 -21.52 -2.99
N THR A 38 -35.08 -21.23 -2.07
CA THR A 38 -34.81 -21.56 -0.67
C THR A 38 -34.87 -23.07 -0.47
N GLN A 39 -34.31 -23.55 0.63
CA GLN A 39 -34.35 -24.99 0.88
C GLN A 39 -35.78 -25.48 1.02
N THR A 40 -36.67 -24.68 1.61
CA THR A 40 -38.09 -25.08 1.68
C THR A 40 -38.73 -25.18 0.30
N GLN A 41 -38.44 -24.21 -0.57
CA GLN A 41 -38.98 -24.28 -1.91
C GLN A 41 -38.42 -25.48 -2.66
N ILE A 42 -37.16 -25.81 -2.42
CA ILE A 42 -36.61 -27.01 -3.03
C ILE A 42 -37.30 -28.25 -2.49
N ALA A 43 -37.52 -28.29 -1.17
CA ALA A 43 -38.23 -29.43 -0.57
C ALA A 43 -39.58 -29.64 -1.23
N GLU A 44 -40.34 -28.56 -1.42
CA GLU A 44 -41.68 -28.72 -1.99
C GLU A 44 -41.60 -29.09 -3.47
N ARG A 45 -40.60 -28.59 -4.17
CA ARG A 45 -40.48 -28.87 -5.61
C ARG A 45 -40.17 -30.35 -5.86
N VAL A 46 -39.19 -30.89 -5.13
CA VAL A 46 -38.79 -32.28 -5.28
C VAL A 46 -39.71 -33.23 -4.53
N GLY A 47 -40.52 -32.74 -3.60
CA GLY A 47 -41.39 -33.60 -2.83
C GLY A 47 -40.69 -34.36 -1.70
N ILE A 48 -39.65 -33.78 -1.11
CA ILE A 48 -38.97 -34.36 0.05
C ILE A 48 -39.00 -33.36 1.21
N SER A 49 -38.53 -33.81 2.38
CA SER A 49 -38.56 -32.99 3.58
C SER A 49 -37.46 -31.92 3.56
N GLN A 50 -37.70 -30.84 4.31
CA GLN A 50 -36.71 -29.77 4.44
C GLN A 50 -35.38 -30.33 4.95
N MET A 51 -35.45 -31.18 5.98
CA MET A 51 -34.23 -31.78 6.50
C MET A 51 -33.53 -32.63 5.45
N HIS A 52 -34.27 -33.34 4.63
CA HIS A 52 -33.65 -34.13 3.57
C HIS A 52 -32.93 -33.24 2.56
N VAL A 53 -33.49 -32.06 2.27
CA VAL A 53 -32.80 -31.12 1.39
C VAL A 53 -31.47 -30.68 2.00
N SER A 54 -31.46 -30.30 3.28
CA SER A 54 -30.19 -29.89 3.90
C SER A 54 -29.18 -31.00 3.90
N ARG A 55 -29.63 -32.24 4.11
CA ARG A 55 -28.74 -33.39 4.11
C ARG A 55 -28.08 -33.58 2.74
N LEU A 56 -28.89 -33.50 1.69
CA LEU A 56 -28.37 -33.64 0.32
C LEU A 56 -27.43 -32.49 -0.05
N LEU A 57 -27.79 -31.25 0.31
CA LEU A 57 -26.90 -30.13 0.04
C LEU A 57 -25.56 -30.32 0.73
N ALA A 58 -25.58 -30.70 2.01
CA ALA A 58 -24.34 -30.89 2.76
C ALA A 58 -23.47 -31.96 2.10
N LYS A 59 -24.07 -33.10 1.79
CA LYS A 59 -23.37 -34.18 1.13
C LYS A 59 -22.73 -33.71 -0.18
N SER A 60 -23.52 -33.07 -1.06
CA SER A 60 -23.00 -32.67 -2.38
C SER A 60 -21.91 -31.62 -2.27
N LEU A 61 -22.07 -30.67 -1.36
CA LEU A 61 -21.02 -29.68 -1.17
C LEU A 61 -19.75 -30.35 -0.67
N ALA A 62 -19.89 -31.38 0.18
CA ALA A 62 -18.70 -32.09 0.67
C ALA A 62 -17.98 -32.82 -0.46
N ARG A 63 -18.73 -33.41 -1.41
CA ARG A 63 -18.10 -34.05 -2.56
C ARG A 63 -17.41 -33.02 -3.44
N LEU A 64 -18.13 -31.96 -3.81
CA LEU A 64 -17.57 -30.93 -4.69
C LEU A 64 -16.39 -30.23 -4.04
N ARG A 65 -16.40 -30.14 -2.71
CA ARG A 65 -15.32 -29.45 -2.00
C ARG A 65 -13.96 -30.04 -2.33
N ASP A 66 -13.89 -31.34 -2.55
CA ASP A 66 -12.63 -32.05 -2.70
C ASP A 66 -12.25 -32.28 -4.15
N GLN A 67 -13.13 -31.94 -5.08
CA GLN A 67 -12.86 -32.04 -6.50
C GLN A 67 -12.52 -30.69 -7.11
N LEU A 68 -12.43 -29.64 -6.30
CA LEU A 68 -12.40 -28.28 -6.81
C LEU A 68 -11.46 -27.41 -6.00
N TRP B 6 -15.60 -10.74 23.59
CA TRP B 6 -15.62 -9.49 22.79
C TRP B 6 -16.78 -8.63 23.27
N MET B 7 -16.56 -7.32 23.40
CA MET B 7 -17.59 -6.42 23.99
C MET B 7 -18.64 -6.00 22.96
N GLN B 8 -18.25 -5.79 21.70
CA GLN B 8 -19.20 -5.38 20.64
C GLN B 8 -20.20 -6.50 20.41
N ARG B 9 -19.86 -7.73 20.82
CA ARG B 9 -20.79 -8.87 20.71
C ARG B 9 -22.06 -8.60 21.51
N GLY B 10 -23.20 -9.07 21.03
CA GLY B 10 -24.47 -8.91 21.76
C GLY B 10 -24.51 -9.78 23.00
N VAL B 11 -25.48 -9.53 23.87
CA VAL B 11 -25.50 -10.25 25.14
C VAL B 11 -25.81 -11.73 24.97
N ARG B 12 -26.40 -12.15 23.86
CA ARG B 12 -26.69 -13.56 23.65
C ARG B 12 -25.66 -14.28 22.80
N ALA B 13 -24.50 -13.66 22.58
CA ALA B 13 -23.48 -14.31 21.76
C ALA B 13 -22.86 -15.47 22.52
N VAL B 14 -22.38 -16.48 21.78
CA VAL B 14 -21.61 -17.55 22.38
C VAL B 14 -20.35 -17.77 21.58
N GLU B 15 -19.23 -17.84 22.27
CA GLU B 15 -17.95 -18.17 21.66
C GLU B 15 -17.66 -19.63 21.95
N LEU B 16 -17.29 -20.38 20.91
CA LEU B 16 -16.90 -21.78 21.08
C LEU B 16 -15.45 -21.91 20.67
N ASN B 17 -14.67 -22.68 21.42
CA ASN B 17 -13.29 -22.98 21.03
C ASN B 17 -13.04 -24.47 21.10
N VAL B 18 -12.50 -25.04 20.02
CA VAL B 18 -12.11 -26.45 19.99
C VAL B 18 -10.77 -26.54 19.27
N ALA B 19 -10.03 -27.63 19.53
CA ALA B 19 -8.84 -27.88 18.75
C ALA B 19 -9.21 -27.92 17.26
N ALA B 20 -8.40 -27.24 16.45
CA ALA B 20 -8.65 -27.15 15.00
C ALA B 20 -8.24 -28.47 14.35
N ARG B 21 -9.07 -29.51 14.60
CA ARG B 21 -8.82 -30.87 14.15
C ARG B 21 -10.05 -31.42 13.44
N LEU B 22 -9.82 -32.19 12.37
CA LEU B 22 -10.97 -32.69 11.61
C LEU B 22 -11.91 -33.53 12.46
N GLU B 23 -11.38 -34.21 13.51
CA GLU B 23 -12.24 -35.00 14.39
C GLU B 23 -13.30 -34.15 15.11
N ASN B 24 -13.16 -32.83 15.17
CA ASN B 24 -14.08 -31.99 15.94
C ASN B 24 -15.11 -31.31 15.06
N LEU B 25 -15.08 -31.54 13.75
CA LEU B 25 -16.04 -30.90 12.86
C LEU B 25 -17.46 -31.38 13.17
N ALA B 26 -17.63 -32.65 13.52
CA ALA B 26 -18.97 -33.15 13.84
C ALA B 26 -19.53 -32.48 15.10
N LEU B 27 -18.69 -32.33 16.13
CA LEU B 27 -19.12 -31.60 17.32
C LEU B 27 -19.52 -30.17 16.99
N LEU B 28 -18.74 -29.50 16.13
CA LEU B 28 -19.08 -28.12 15.74
C LEU B 28 -20.43 -28.05 15.01
N ARG B 29 -20.69 -28.96 14.08
CA ARG B 29 -22.00 -28.97 13.43
C ARG B 29 -23.12 -29.15 14.44
N THR B 30 -22.94 -30.05 15.41
CA THR B 30 -23.98 -30.28 16.41
C THR B 30 -24.26 -29.02 17.21
N LEU B 31 -23.20 -28.37 17.70
CA LEU B 31 -23.39 -27.21 18.57
C LEU B 31 -23.99 -26.03 17.80
N VAL B 32 -23.56 -25.83 16.54
CA VAL B 32 -24.12 -24.74 15.73
C VAL B 32 -25.62 -24.99 15.47
N GLY B 33 -25.98 -26.24 15.19
CA GLY B 33 -27.38 -26.58 15.05
C GLY B 33 -28.17 -26.38 16.34
N ALA B 34 -27.58 -26.74 17.48
CA ALA B 34 -28.26 -26.52 18.75
C ALA B 34 -28.52 -25.03 18.98
N ILE B 35 -27.58 -24.17 18.58
CA ILE B 35 -27.76 -22.73 18.77
C ILE B 35 -28.83 -22.18 17.83
N GLY B 36 -28.83 -22.61 16.56
CA GLY B 36 -29.79 -22.06 15.60
C GLY B 36 -31.22 -22.33 16.02
N THR B 37 -31.49 -23.58 16.40
CA THR B 37 -32.79 -23.96 16.96
C THR B 37 -33.16 -23.05 18.13
N PHE B 38 -32.16 -22.59 18.87
CA PHE B 38 -32.37 -21.70 20.00
C PHE B 38 -32.66 -20.27 19.55
N GLU B 39 -32.73 -20.00 18.23
CA GLU B 39 -32.78 -18.64 17.70
C GLU B 39 -33.99 -18.41 16.79
N ASP B 40 -34.09 -17.17 16.28
CA ASP B 40 -35.35 -16.59 15.79
C ASP B 40 -35.41 -16.36 14.28
N LEU B 41 -34.27 -16.28 13.60
CA LEU B 41 -34.22 -16.01 12.17
C LEU B 41 -35.07 -16.98 11.36
N ASP B 42 -35.39 -16.59 10.13
CA ASP B 42 -36.08 -17.44 9.17
C ASP B 42 -35.44 -18.83 9.11
N PHE B 43 -36.28 -19.86 8.96
CA PHE B 43 -35.74 -21.22 8.92
C PHE B 43 -34.84 -21.44 7.72
N ASP B 44 -35.24 -20.92 6.55
CA ASP B 44 -34.40 -21.09 5.37
C ASP B 44 -33.05 -20.42 5.57
N ALA B 45 -33.05 -19.26 6.24
CA ALA B 45 -31.79 -18.58 6.54
C ALA B 45 -30.94 -19.39 7.50
N VAL B 46 -31.56 -20.06 8.46
CA VAL B 46 -30.79 -20.86 9.42
C VAL B 46 -30.14 -22.05 8.73
N ALA B 47 -30.91 -22.78 7.91
CA ALA B 47 -30.39 -23.93 7.17
C ALA B 47 -29.23 -23.54 6.24
N ASP B 48 -29.37 -22.43 5.51
CA ASP B 48 -28.23 -21.96 4.71
C ASP B 48 -27.04 -21.62 5.59
N LEU B 49 -27.28 -20.88 6.68
CA LEU B 49 -26.16 -20.50 7.55
C LEU B 49 -25.44 -21.71 8.12
N ARG B 50 -26.18 -22.75 8.48
CA ARG B 50 -25.54 -23.96 9.02
C ARG B 50 -24.58 -24.56 7.99
N LEU B 51 -25.02 -24.65 6.73
CA LEU B 51 -24.13 -25.16 5.68
C LEU B 51 -22.90 -24.26 5.51
N ALA B 52 -23.11 -22.95 5.54
CA ALA B 52 -21.96 -22.06 5.34
C ALA B 52 -20.97 -22.16 6.50
N VAL B 53 -21.47 -22.28 7.73
CA VAL B 53 -20.56 -22.37 8.87
C VAL B 53 -19.76 -23.66 8.80
N ASP B 54 -20.41 -24.76 8.39
CA ASP B 54 -19.66 -25.99 8.21
C ASP B 54 -18.60 -25.84 7.12
N GLU B 55 -18.91 -25.15 6.03
CA GLU B 55 -17.89 -24.94 4.99
C GLU B 55 -16.71 -24.14 5.54
N VAL B 56 -17.01 -23.06 6.27
CA VAL B 56 -15.97 -22.26 6.90
C VAL B 56 -15.13 -23.10 7.85
N CYS B 57 -15.78 -23.85 8.74
CA CYS B 57 -15.03 -24.59 9.73
C CYS B 57 -14.18 -25.67 9.09
N THR B 58 -14.73 -26.35 8.07
CA THR B 58 -13.97 -27.40 7.38
C THR B 58 -12.74 -26.83 6.67
N ARG B 59 -12.87 -25.69 6.01
CA ARG B 59 -11.73 -25.14 5.29
C ARG B 59 -10.69 -24.60 6.26
N LEU B 60 -11.12 -23.98 7.36
CA LEU B 60 -10.16 -23.51 8.35
C LEU B 60 -9.40 -24.69 8.96
N ILE B 61 -10.12 -25.72 9.36
CA ILE B 61 -9.47 -26.82 10.06
C ILE B 61 -8.57 -27.61 9.10
N ARG B 62 -8.99 -27.77 7.85
CA ARG B 62 -8.09 -28.39 6.86
C ARG B 62 -6.79 -27.61 6.68
N SER B 63 -6.81 -26.29 6.85
CA SER B 63 -5.62 -25.47 6.66
C SER B 63 -4.91 -25.14 7.96
N ALA B 64 -5.44 -25.59 9.10
CA ALA B 64 -4.95 -25.19 10.40
C ALA B 64 -3.52 -25.65 10.63
N LEU B 65 -2.75 -24.82 11.34
CA LEU B 65 -1.42 -25.22 11.75
C LEU B 65 -1.55 -26.26 12.86
N PRO B 66 -0.49 -27.02 13.14
CA PRO B 66 -0.55 -27.92 14.29
C PRO B 66 -0.85 -27.16 15.57
N ASP B 67 -1.68 -27.78 16.41
CA ASP B 67 -2.05 -27.27 17.73
C ASP B 67 -2.83 -25.96 17.67
N ALA B 68 -3.41 -25.63 16.52
CA ALA B 68 -4.23 -24.44 16.43
C ALA B 68 -5.58 -24.67 17.09
N THR B 69 -6.26 -23.55 17.37
CA THR B 69 -7.60 -23.55 17.94
C THR B 69 -8.56 -22.95 16.92
N LEU B 70 -9.68 -23.62 16.72
CA LEU B 70 -10.79 -23.08 15.93
C LEU B 70 -11.65 -22.28 16.89
N ARG B 71 -11.79 -20.98 16.63
N ARG B 71 -11.71 -20.97 16.68
CA ARG B 71 -12.56 -20.07 17.49
CA ARG B 71 -12.58 -20.11 17.47
C ARG B 71 -13.80 -19.64 16.72
C ARG B 71 -13.81 -19.81 16.64
N LEU B 72 -14.98 -19.99 17.25
CA LEU B 72 -16.25 -19.77 16.55
C LEU B 72 -17.14 -18.90 17.44
N VAL B 73 -17.59 -17.75 16.92
CA VAL B 73 -18.52 -16.89 17.65
C VAL B 73 -19.84 -16.85 16.89
N VAL B 74 -20.94 -17.16 17.57
CA VAL B 74 -22.29 -17.02 17.03
C VAL B 74 -22.96 -15.90 17.82
N ASP B 75 -23.31 -14.81 17.13
CA ASP B 75 -23.90 -13.62 17.75
C ASP B 75 -25.30 -13.41 17.19
N PRO B 76 -26.34 -13.93 17.85
CA PRO B 76 -27.71 -13.76 17.36
C PRO B 76 -28.25 -12.41 17.79
N ARG B 77 -28.56 -11.55 16.83
CA ARG B 77 -29.17 -10.25 17.10
C ARG B 77 -30.59 -10.26 16.53
N LYS B 78 -31.32 -9.17 16.81
CA LYS B 78 -32.70 -9.10 16.33
C LYS B 78 -32.72 -9.06 14.81
N ASP B 79 -31.98 -8.13 14.23
CA ASP B 79 -31.89 -7.98 12.79
C ASP B 79 -31.25 -9.21 12.13
N GLU B 80 -30.15 -9.70 12.69
CA GLU B 80 -29.31 -10.60 11.94
C GLU B 80 -28.58 -11.55 12.88
N VAL B 81 -27.92 -12.54 12.28
CA VAL B 81 -27.03 -13.43 13.00
C VAL B 81 -25.65 -13.27 12.35
N VAL B 82 -24.64 -13.02 13.16
CA VAL B 82 -23.26 -12.92 12.70
C VAL B 82 -22.52 -14.14 13.23
N VAL B 83 -21.78 -14.82 12.36
CA VAL B 83 -20.96 -15.96 12.77
C VAL B 83 -19.54 -15.68 12.30
N GLU B 84 -18.60 -15.73 13.24
CA GLU B 84 -17.19 -15.48 12.97
C GLU B 84 -16.37 -16.71 13.31
N ALA B 85 -15.52 -17.17 12.39
CA ALA B 85 -14.68 -18.32 12.66
C ALA B 85 -13.25 -17.99 12.27
N SER B 86 -12.28 -18.47 13.05
CA SER B 86 -10.89 -18.16 12.77
C SER B 86 -9.98 -19.23 13.40
N ALA B 87 -8.78 -19.35 12.84
CA ALA B 87 -7.78 -20.29 13.33
C ALA B 87 -6.44 -19.93 12.73
N ALA B 88 -5.36 -20.32 13.42
CA ALA B 88 -4.04 -20.16 12.82
C ALA B 88 -3.90 -21.15 11.67
N CYS B 89 -3.63 -20.64 10.46
CA CYS B 89 -3.65 -21.43 9.23
C CYS B 89 -2.31 -21.35 8.50
N ASP B 90 -2.10 -22.29 7.56
CA ASP B 90 -0.86 -22.41 6.82
C ASP B 90 -0.84 -21.63 5.52
N THR B 91 -1.84 -20.77 5.30
CA THR B 91 -1.94 -19.98 4.09
C THR B 91 -2.52 -18.63 4.46
N HIS B 92 -2.23 -17.62 3.64
CA HIS B 92 -2.76 -16.29 3.85
C HIS B 92 -4.20 -16.14 3.40
N ASP B 93 -4.77 -17.14 2.72
CA ASP B 93 -6.14 -16.97 2.27
C ASP B 93 -6.77 -18.34 2.13
N VAL B 94 -7.71 -18.66 3.01
CA VAL B 94 -8.29 -20.00 3.01
C VAL B 94 -9.44 -20.12 2.00
N VAL B 95 -10.02 -19.00 1.56
CA VAL B 95 -11.13 -19.02 0.60
C VAL B 95 -10.86 -17.95 -0.45
N ALA B 96 -10.11 -18.31 -1.49
CA ALA B 96 -9.62 -17.33 -2.47
C ALA B 96 -10.75 -16.74 -3.30
N PRO B 97 -10.64 -15.47 -3.70
CA PRO B 97 -11.63 -14.89 -4.62
C PRO B 97 -11.85 -15.79 -5.83
N GLY B 98 -13.09 -15.92 -6.26
CA GLY B 98 -13.37 -16.76 -7.41
C GLY B 98 -13.28 -18.26 -7.18
N SER B 99 -12.85 -18.71 -6.00
CA SER B 99 -12.88 -20.13 -5.71
C SER B 99 -14.31 -20.61 -5.55
N PHE B 100 -14.49 -21.93 -5.69
CA PHE B 100 -15.81 -22.51 -5.48
C PHE B 100 -16.29 -22.26 -4.06
N SER B 101 -15.43 -22.47 -3.08
CA SER B 101 -15.76 -22.19 -1.68
C SER B 101 -16.28 -20.76 -1.51
N TRP B 102 -15.58 -19.78 -2.07
CA TRP B 102 -16.03 -18.38 -1.93
C TRP B 102 -17.41 -18.18 -2.52
N HIS B 103 -17.66 -18.78 -3.69
CA HIS B 103 -18.96 -18.61 -4.31
C HIS B 103 -20.05 -19.28 -3.48
N VAL B 104 -19.74 -20.40 -2.85
CA VAL B 104 -20.73 -21.09 -2.01
C VAL B 104 -21.09 -20.20 -0.83
N LEU B 105 -20.08 -19.64 -0.18
CA LEU B 105 -20.33 -18.81 1.00
C LEU B 105 -21.11 -17.56 0.64
N THR B 106 -20.78 -16.92 -0.49
CA THR B 106 -21.50 -15.72 -0.86
C THR B 106 -22.94 -16.03 -1.28
N ALA B 107 -23.23 -17.26 -1.74
CA ALA B 107 -24.62 -17.62 -2.06
C ALA B 107 -25.44 -17.87 -0.80
N LEU B 108 -24.82 -18.42 0.25
CA LEU B 108 -25.52 -18.89 1.43
C LEU B 108 -25.66 -17.84 2.52
N ALA B 109 -24.82 -16.82 2.54
CA ALA B 109 -24.86 -15.79 3.56
C ALA B 109 -25.09 -14.45 2.89
N ASP B 110 -25.70 -13.51 3.62
CA ASP B 110 -25.93 -12.19 3.02
C ASP B 110 -24.65 -11.39 2.89
N ASP B 111 -23.69 -11.62 3.79
CA ASP B 111 -22.44 -10.87 3.74
C ASP B 111 -21.35 -11.84 4.16
N VAL B 112 -20.22 -11.79 3.45
CA VAL B 112 -19.05 -12.62 3.77
C VAL B 112 -17.83 -11.70 3.77
N GLN B 113 -17.05 -11.73 4.86
CA GLN B 113 -15.86 -10.90 4.98
C GLN B 113 -14.74 -11.76 5.55
N THR B 114 -13.50 -11.39 5.26
CA THR B 114 -12.35 -12.12 5.78
C THR B 114 -11.44 -11.19 6.55
N PHE B 115 -10.60 -11.75 7.41
CA PHE B 115 -9.61 -10.93 8.07
C PHE B 115 -8.34 -11.73 8.31
N HIS B 116 -7.21 -11.04 8.23
CA HIS B 116 -5.88 -11.64 8.31
C HIS B 116 -4.88 -10.49 8.32
N ASP B 117 -3.88 -10.57 9.20
CA ASP B 117 -2.79 -9.59 9.22
C ASP B 117 -1.51 -10.35 9.50
N GLY B 118 -0.80 -10.73 8.44
CA GLY B 118 0.41 -11.49 8.63
C GLY B 118 1.58 -10.70 9.17
N ARG B 119 1.42 -9.38 9.31
CA ARG B 119 2.47 -8.57 9.90
C ARG B 119 2.60 -8.80 11.40
N GLN B 120 1.58 -9.35 12.05
CA GLN B 120 1.64 -9.59 13.47
C GLN B 120 2.60 -10.73 13.77
N PRO B 121 3.40 -10.64 14.82
CA PRO B 121 4.37 -11.70 15.10
C PRO B 121 3.69 -12.91 15.73
N ASP B 122 4.41 -14.03 15.70
CA ASP B 122 3.98 -15.29 16.33
C ASP B 122 2.70 -15.78 15.66
N VAL B 123 1.85 -16.43 16.45
CA VAL B 123 0.70 -17.15 15.91
C VAL B 123 -0.40 -16.20 15.44
N ALA B 124 -0.50 -15.01 16.04
CA ALA B 124 -1.51 -14.05 15.61
C ALA B 124 -1.35 -13.70 14.13
N GLY B 125 -0.12 -13.69 13.61
CA GLY B 125 0.09 -13.41 12.21
C GLY B 125 -0.33 -14.53 11.29
N SER B 126 -0.57 -15.73 11.82
CA SER B 126 -1.05 -16.87 11.06
C SER B 126 -2.55 -16.99 11.05
N VAL B 127 -3.24 -16.23 11.90
CA VAL B 127 -4.69 -16.36 12.00
C VAL B 127 -5.36 -15.87 10.72
N PHE B 128 -6.29 -16.67 10.22
CA PHE B 128 -7.19 -16.29 9.14
C PHE B 128 -8.61 -16.45 9.66
N GLY B 129 -9.46 -15.44 9.42
CA GLY B 129 -10.84 -15.47 9.88
C GLY B 129 -11.82 -15.19 8.76
N ILE B 130 -13.05 -15.69 8.96
CA ILE B 130 -14.15 -15.48 8.03
C ILE B 130 -15.38 -15.12 8.86
N THR B 131 -16.10 -14.07 8.45
CA THR B 131 -17.29 -13.61 9.14
C THR B 131 -18.46 -13.71 8.19
N LEU B 132 -19.52 -14.38 8.62
CA LEU B 132 -20.73 -14.55 7.83
C LEU B 132 -21.87 -13.81 8.53
N THR B 133 -22.70 -13.14 7.75
CA THR B 133 -23.83 -12.41 8.30
C THR B 133 -25.10 -12.83 7.57
N ALA B 134 -26.13 -13.18 8.34
CA ALA B 134 -27.40 -13.59 7.77
C ALA B 134 -28.48 -12.71 8.37
N ARG B 135 -29.29 -12.07 7.53
CA ARG B 135 -30.27 -11.11 7.99
C ARG B 135 -31.69 -11.64 7.80
N ARG B 136 -32.62 -11.02 8.53
CA ARG B 136 -34.07 -11.26 8.44
C ARG B 136 -34.48 -12.73 8.59
N LEU C 5 5.10 -25.56 -12.93
CA LEU C 5 5.33 -26.24 -11.62
C LEU C 5 3.99 -26.55 -10.95
N ASP C 6 4.05 -27.26 -9.83
CA ASP C 6 2.82 -27.66 -9.10
C ASP C 6 2.50 -26.55 -8.11
N GLN C 7 3.51 -25.76 -7.74
CA GLN C 7 3.28 -24.63 -6.80
C GLN C 7 2.20 -23.73 -7.38
N ILE C 8 2.07 -23.70 -8.71
CA ILE C 8 1.08 -22.80 -9.38
C ILE C 8 -0.15 -23.62 -9.76
N GLU C 9 -1.34 -23.15 -9.39
CA GLU C 9 -2.59 -23.90 -9.68
C GLU C 9 -2.91 -23.85 -11.18
N ASN C 10 -2.59 -22.75 -11.84
CA ASN C 10 -2.92 -22.60 -13.29
C ASN C 10 -1.70 -23.00 -14.12
N ARG C 11 -0.95 -24.01 -13.68
CA ARG C 11 0.30 -24.41 -14.36
C ARG C 11 0.05 -24.70 -15.84
N GLU C 12 -0.90 -25.57 -16.15
CA GLU C 12 -1.19 -25.97 -17.55
C GLU C 12 -1.42 -24.74 -18.44
N VAL C 13 -1.84 -23.62 -17.85
CA VAL C 13 -2.14 -22.40 -18.65
C VAL C 13 -0.89 -21.53 -18.69
N LEU C 14 0.02 -21.72 -17.73
CA LEU C 14 1.24 -20.89 -17.66
C LEU C 14 2.29 -21.45 -18.60
N ARG C 15 2.37 -22.78 -18.70
CA ARG C 15 3.40 -23.42 -19.54
C ARG C 15 3.36 -22.84 -20.94
N PRO C 16 2.23 -22.85 -21.69
CA PRO C 16 2.25 -22.23 -23.01
C PRO C 16 2.71 -20.78 -22.98
N LEU C 17 2.41 -20.05 -21.90
CA LEU C 17 2.76 -18.64 -21.84
C LEU C 17 4.28 -18.47 -21.71
N LEU C 18 4.91 -19.31 -20.88
CA LEU C 18 6.38 -19.32 -20.83
C LEU C 18 6.98 -19.66 -22.20
N GLU C 19 6.31 -20.50 -22.99
CA GLU C 19 6.87 -20.89 -24.28
C GLU C 19 6.85 -19.75 -25.29
N ALA C 20 5.91 -18.81 -25.16
CA ALA C 20 5.84 -17.67 -26.06
C ALA C 20 6.83 -16.57 -25.70
N LEU C 21 7.63 -16.73 -24.65
CA LEU C 21 8.62 -15.72 -24.35
C LEU C 21 9.82 -15.86 -25.29
N PRO C 22 10.49 -14.76 -25.60
CA PRO C 22 11.81 -14.85 -26.25
C PRO C 22 12.69 -15.81 -25.46
N GLU C 23 13.45 -16.63 -26.18
CA GLU C 23 14.24 -17.70 -25.56
C GLU C 23 15.06 -17.18 -24.39
N ARG C 24 15.83 -16.11 -24.61
CA ARG C 24 16.68 -15.61 -23.54
C ARG C 24 15.85 -15.20 -22.32
N GLU C 25 14.72 -14.54 -22.57
CA GLU C 25 13.82 -14.18 -21.47
C GLU C 25 13.36 -15.45 -20.73
N ARG C 26 13.01 -16.50 -21.49
CA ARG C 26 12.49 -17.72 -20.90
C ARG C 26 13.53 -18.43 -20.02
N THR C 27 14.74 -18.58 -20.54
CA THR C 27 15.80 -19.24 -19.79
C THR C 27 16.03 -18.56 -18.44
N VAL C 28 16.14 -17.24 -18.45
CA VAL C 28 16.42 -16.50 -17.22
C VAL C 28 15.24 -16.60 -16.26
N LEU C 29 14.01 -16.52 -16.77
CA LEU C 29 12.85 -16.57 -15.88
C LEU C 29 12.74 -17.95 -15.21
N VAL C 30 12.93 -19.02 -15.98
CA VAL C 30 12.87 -20.36 -15.41
C VAL C 30 13.92 -20.56 -14.33
N LEU C 31 15.15 -20.11 -14.58
CA LEU C 31 16.22 -20.28 -13.61
C LEU C 31 15.91 -19.55 -12.31
N ARG C 32 15.35 -18.34 -12.44
CA ARG C 32 15.08 -17.53 -11.25
C ARG C 32 13.91 -18.09 -10.44
N PHE C 33 12.83 -18.50 -11.11
CA PHE C 33 11.59 -18.76 -10.38
C PHE C 33 11.27 -20.23 -10.19
N PHE C 34 11.89 -21.11 -10.96
CA PHE C 34 11.68 -22.53 -10.78
C PHE C 34 12.92 -23.31 -10.41
N ASP C 35 14.12 -22.77 -10.65
CA ASP C 35 15.36 -23.38 -10.17
C ASP C 35 15.91 -22.65 -8.95
N SER C 36 15.30 -21.54 -8.56
CA SER C 36 15.68 -20.76 -7.38
C SER C 36 17.12 -20.26 -7.43
N MET C 37 17.61 -19.97 -8.63
N MET C 37 17.61 -19.97 -8.64
CA MET C 37 18.96 -19.43 -8.80
CA MET C 37 18.93 -19.40 -8.82
C MET C 37 18.93 -17.92 -8.58
C MET C 37 18.89 -17.91 -8.50
N THR C 38 19.96 -17.41 -7.90
CA THR C 38 20.06 -15.98 -7.69
C THR C 38 20.41 -15.28 -9.00
N GLN C 39 20.19 -13.96 -9.04
CA GLN C 39 20.46 -13.24 -10.29
C GLN C 39 21.93 -13.34 -10.66
N THR C 40 22.82 -13.33 -9.67
CA THR C 40 24.24 -13.47 -9.99
C THR C 40 24.53 -14.88 -10.50
N GLN C 41 23.93 -15.90 -9.90
CA GLN C 41 24.13 -17.25 -10.40
C GLN C 41 23.60 -17.41 -11.82
N ILE C 42 22.50 -16.73 -12.14
CA ILE C 42 21.98 -16.78 -13.50
C ILE C 42 22.95 -16.11 -14.47
N ALA C 43 23.43 -14.93 -14.10
CA ALA C 43 24.42 -14.23 -14.93
C ALA C 43 25.61 -15.13 -15.25
N GLU C 44 26.17 -15.78 -14.23
CA GLU C 44 27.35 -16.63 -14.44
C GLU C 44 27.01 -17.86 -15.27
N ARG C 45 25.80 -18.38 -15.12
CA ARG C 45 25.40 -19.55 -15.89
C ARG C 45 25.17 -19.19 -17.35
N VAL C 46 24.54 -18.05 -17.61
CA VAL C 46 24.10 -17.70 -18.95
C VAL C 46 25.16 -16.91 -19.74
N GLY C 47 26.07 -16.23 -19.05
CA GLY C 47 27.08 -15.47 -19.74
C GLY C 47 26.70 -14.05 -20.04
N ILE C 48 25.87 -13.42 -19.20
CA ILE C 48 25.49 -12.02 -19.37
C ILE C 48 25.71 -11.31 -18.04
N SER C 49 25.57 -9.99 -18.06
CA SER C 49 25.79 -9.24 -16.84
C SER C 49 24.59 -9.38 -15.90
N GLN C 50 24.82 -9.03 -14.64
CA GLN C 50 23.75 -9.03 -13.66
C GLN C 50 22.67 -8.02 -14.04
N MET C 51 23.06 -6.86 -14.56
CA MET C 51 22.08 -5.87 -15.01
C MET C 51 21.24 -6.42 -16.13
N HIS C 52 21.86 -7.19 -17.04
CA HIS C 52 21.12 -7.81 -18.12
C HIS C 52 20.09 -8.81 -17.61
N VAL C 53 20.47 -9.61 -16.61
CA VAL C 53 19.52 -10.54 -16.01
C VAL C 53 18.32 -9.79 -15.46
N SER C 54 18.57 -8.72 -14.69
CA SER C 54 17.48 -7.93 -14.12
C SER C 54 16.57 -7.37 -15.19
N ARG C 55 17.14 -6.81 -16.26
CA ARG C 55 16.31 -6.29 -17.35
C ARG C 55 15.46 -7.40 -17.97
N LEU C 56 16.06 -8.57 -18.22
CA LEU C 56 15.28 -9.64 -18.82
C LEU C 56 14.15 -10.11 -17.90
N LEU C 57 14.40 -10.17 -16.60
CA LEU C 57 13.35 -10.64 -15.67
C LEU C 57 12.19 -9.64 -15.69
N ALA C 58 12.50 -8.35 -15.64
CA ALA C 58 11.45 -7.31 -15.62
C ALA C 58 10.57 -7.41 -16.85
N LYS C 59 11.17 -7.63 -18.01
CA LYS C 59 10.39 -7.70 -19.26
C LYS C 59 9.47 -8.91 -19.20
N SER C 60 10.03 -10.07 -18.89
CA SER C 60 9.23 -11.32 -18.85
C SER C 60 8.12 -11.19 -17.79
N LEU C 61 8.43 -10.66 -16.61
CA LEU C 61 7.39 -10.59 -15.59
C LEU C 61 6.29 -9.63 -16.00
N ALA C 62 6.65 -8.54 -16.67
CA ALA C 62 5.63 -7.56 -17.07
C ALA C 62 4.72 -8.16 -18.14
N ARG C 63 5.29 -8.96 -19.04
CA ARG C 63 4.49 -9.69 -20.04
C ARG C 63 3.54 -10.67 -19.38
N LEU C 64 4.04 -11.48 -18.45
CA LEU C 64 3.21 -12.51 -17.84
C LEU C 64 2.11 -11.91 -16.96
N ARG C 65 2.41 -10.81 -16.26
CA ARG C 65 1.41 -10.15 -15.42
C ARG C 65 0.16 -9.86 -16.22
N ASP C 66 0.34 -9.18 -17.34
CA ASP C 66 -0.76 -8.74 -18.19
C ASP C 66 -1.48 -9.93 -18.83
N GLN C 67 -0.77 -11.03 -19.07
CA GLN C 67 -1.38 -12.24 -19.63
C GLN C 67 -1.96 -13.17 -18.59
N LEU C 68 -1.59 -12.99 -17.32
CA LEU C 68 -2.08 -13.83 -16.21
C LEU C 68 -1.92 -15.32 -16.48
N TRP D 6 3.03 3.31 11.43
CA TRP D 6 3.22 4.72 11.76
C TRP D 6 4.53 5.01 12.47
N MET D 7 4.50 4.95 13.79
CA MET D 7 5.67 5.24 14.61
C MET D 7 6.57 4.02 14.82
N GLN D 8 6.25 2.86 14.24
CA GLN D 8 7.09 1.68 14.36
C GLN D 8 8.17 1.59 13.29
N ARG D 9 8.12 2.44 12.27
CA ARG D 9 9.14 2.49 11.25
C ARG D 9 10.46 2.99 11.81
N GLY D 10 11.57 2.62 11.16
CA GLY D 10 12.84 3.19 11.49
C GLY D 10 12.94 4.65 11.06
N VAL D 11 13.94 5.36 11.59
CA VAL D 11 14.02 6.80 11.38
C VAL D 11 14.27 7.18 9.92
N ARG D 12 14.77 6.27 9.10
CA ARG D 12 15.01 6.61 7.71
C ARG D 12 13.94 6.06 6.76
N ALA D 13 12.80 5.64 7.28
CA ALA D 13 11.74 5.13 6.42
C ALA D 13 11.08 6.29 5.66
N VAL D 14 10.40 5.95 4.58
CA VAL D 14 9.67 6.93 3.81
C VAL D 14 8.34 6.31 3.43
N GLU D 15 7.27 7.07 3.61
CA GLU D 15 5.95 6.65 3.16
C GLU D 15 5.53 7.51 1.98
N LEU D 16 5.14 6.88 0.88
CA LEU D 16 4.69 7.59 -0.31
C LEU D 16 3.21 7.29 -0.54
N ASN D 17 2.44 8.28 -0.97
CA ASN D 17 1.05 8.05 -1.35
C ASN D 17 0.84 8.65 -2.73
N VAL D 18 0.23 7.88 -3.62
CA VAL D 18 -0.12 8.33 -4.95
C VAL D 18 -1.47 7.73 -5.35
N ALA D 19 -2.17 8.40 -6.26
CA ALA D 19 -3.40 7.83 -6.79
C ALA D 19 -3.12 6.45 -7.37
N ALA D 20 -3.95 5.47 -7.02
CA ALA D 20 -3.80 4.07 -7.47
C ALA D 20 -4.32 3.95 -8.89
N ARG D 21 -3.55 4.47 -9.82
CA ARG D 21 -3.94 4.58 -11.22
C ARG D 21 -2.82 4.01 -12.05
N LEU D 22 -3.17 3.28 -13.11
CA LEU D 22 -2.13 2.63 -13.89
C LEU D 22 -1.12 3.65 -14.45
N GLU D 23 -1.59 4.88 -14.71
CA GLU D 23 -0.71 5.95 -15.19
C GLU D 23 0.43 6.25 -14.22
N ASN D 24 0.32 5.85 -12.96
CA ASN D 24 1.33 6.16 -11.94
C ASN D 24 2.28 5.01 -11.67
N LEU D 25 2.20 3.91 -12.42
CA LEU D 25 3.10 2.79 -12.17
C LEU D 25 4.53 3.13 -12.57
N ALA D 26 4.71 3.86 -13.67
CA ALA D 26 6.06 4.26 -14.06
C ALA D 26 6.70 5.15 -12.99
N LEU D 27 5.93 6.11 -12.46
CA LEU D 27 6.40 6.94 -11.35
C LEU D 27 6.81 6.09 -10.16
N LEU D 28 5.99 5.10 -9.80
CA LEU D 28 6.32 4.27 -8.66
C LEU D 28 7.62 3.50 -8.88
N ARG D 29 7.84 3.00 -10.10
CA ARG D 29 9.10 2.33 -10.42
C ARG D 29 10.27 3.29 -10.25
N THR D 30 10.10 4.53 -10.71
CA THR D 30 11.15 5.54 -10.60
C THR D 30 11.46 5.86 -9.15
N LEU D 31 10.41 6.05 -8.34
CA LEU D 31 10.62 6.35 -6.93
C LEU D 31 11.29 5.18 -6.20
N VAL D 32 10.84 3.96 -6.45
CA VAL D 32 11.45 2.81 -5.79
C VAL D 32 12.92 2.66 -6.20
N GLY D 33 13.20 2.83 -7.49
CA GLY D 33 14.60 2.80 -7.94
C GLY D 33 15.45 3.87 -7.29
N ALA D 34 14.88 5.07 -7.10
CA ALA D 34 15.63 6.14 -6.44
C ALA D 34 15.99 5.79 -5.00
N ILE D 35 15.09 5.10 -4.30
CA ILE D 35 15.37 4.71 -2.92
C ILE D 35 16.42 3.60 -2.82
N GLY D 36 16.56 2.78 -3.87
CA GLY D 36 17.47 1.62 -3.80
C GLY D 36 18.90 1.96 -3.43
N THR D 37 19.34 3.17 -3.78
CA THR D 37 20.67 3.62 -3.35
C THR D 37 20.74 3.85 -1.84
N PHE D 38 19.60 3.97 -1.17
CA PHE D 38 19.51 4.16 0.27
C PHE D 38 19.25 2.86 1.03
N GLU D 39 19.15 1.73 0.32
CA GLU D 39 18.98 0.44 0.95
C GLU D 39 20.35 -0.22 1.10
N ASP D 40 20.60 -0.77 2.28
CA ASP D 40 21.88 -1.41 2.60
C ASP D 40 21.76 -2.90 2.27
N LEU D 41 21.90 -3.20 0.98
CA LEU D 41 21.67 -4.54 0.45
C LEU D 41 22.60 -4.78 -0.73
N ASP D 42 22.93 -6.05 -0.97
CA ASP D 42 23.72 -6.43 -2.15
C ASP D 42 22.90 -6.25 -3.42
N PHE D 43 23.59 -6.27 -4.58
CA PHE D 43 22.92 -5.97 -5.84
C PHE D 43 21.75 -6.93 -6.08
N ASP D 44 21.97 -8.23 -5.85
CA ASP D 44 20.93 -9.21 -6.14
C ASP D 44 19.66 -8.93 -5.34
N ALA D 45 19.82 -8.66 -4.06
CA ALA D 45 18.65 -8.39 -3.21
C ALA D 45 17.95 -7.10 -3.61
N VAL D 46 18.72 -6.07 -3.98
CA VAL D 46 18.06 -4.83 -4.42
C VAL D 46 17.30 -5.07 -5.71
N ALA D 47 17.92 -5.79 -6.64
CA ALA D 47 17.29 -6.07 -7.94
C ALA D 47 16.01 -6.89 -7.76
N ASP D 48 16.09 -7.96 -6.97
CA ASP D 48 14.90 -8.78 -6.71
C ASP D 48 13.81 -7.95 -6.03
N LEU D 49 14.18 -7.10 -5.07
CA LEU D 49 13.19 -6.29 -4.37
C LEU D 49 12.51 -5.30 -5.30
N ARG D 50 13.27 -4.63 -6.18
CA ARG D 50 12.63 -3.73 -7.15
C ARG D 50 11.61 -4.46 -8.00
N LEU D 51 11.97 -5.65 -8.50
CA LEU D 51 11.03 -6.46 -9.28
C LEU D 51 9.77 -6.80 -8.47
N ALA D 52 9.97 -7.25 -7.22
CA ALA D 52 8.85 -7.65 -6.37
C ALA D 52 7.92 -6.48 -6.08
N VAL D 53 8.51 -5.31 -5.79
CA VAL D 53 7.68 -4.15 -5.49
C VAL D 53 6.90 -3.71 -6.74
N ASP D 54 7.52 -3.80 -7.93
CA ASP D 54 6.76 -3.50 -9.13
C ASP D 54 5.59 -4.47 -9.30
N GLU D 55 5.82 -5.76 -9.01
CA GLU D 55 4.74 -6.74 -9.10
C GLU D 55 3.61 -6.38 -8.13
N VAL D 56 3.95 -6.04 -6.90
CA VAL D 56 2.97 -5.67 -5.89
C VAL D 56 2.16 -4.45 -6.35
N CYS D 57 2.85 -3.38 -6.75
CA CYS D 57 2.15 -2.15 -7.12
C CYS D 57 1.25 -2.38 -8.32
N THR D 58 1.73 -3.14 -9.30
CA THR D 58 0.91 -3.38 -10.49
C THR D 58 -0.34 -4.17 -10.12
N ARG D 59 -0.20 -5.20 -9.29
CA ARG D 59 -1.37 -6.01 -8.94
C ARG D 59 -2.34 -5.19 -8.09
N LEU D 60 -1.83 -4.39 -7.15
CA LEU D 60 -2.73 -3.57 -6.34
C LEU D 60 -3.48 -2.55 -7.21
N ILE D 61 -2.74 -1.85 -8.07
CA ILE D 61 -3.38 -0.80 -8.87
C ILE D 61 -4.35 -1.39 -9.87
N ARG D 62 -4.06 -2.56 -10.43
CA ARG D 62 -5.02 -3.17 -11.35
C ARG D 62 -6.29 -3.61 -10.63
N SER D 63 -6.20 -3.87 -9.33
CA SER D 63 -7.36 -4.25 -8.51
C SER D 63 -7.97 -3.09 -7.75
N ALA D 64 -7.41 -1.88 -7.87
CA ALA D 64 -7.82 -0.77 -7.02
C ALA D 64 -9.24 -0.31 -7.32
N LEU D 65 -9.96 0.07 -6.27
CA LEU D 65 -11.27 0.72 -6.46
C LEU D 65 -11.10 2.12 -7.03
N PRO D 66 -12.17 2.69 -7.60
CA PRO D 66 -12.10 4.07 -8.05
C PRO D 66 -11.67 5.00 -6.92
N ASP D 67 -10.81 5.96 -7.25
CA ASP D 67 -10.36 7.02 -6.34
C ASP D 67 -9.53 6.48 -5.18
N ALA D 68 -8.97 5.29 -5.31
CA ALA D 68 -8.14 4.74 -4.25
C ALA D 68 -6.74 5.34 -4.25
N THR D 69 -6.04 5.15 -3.14
CA THR D 69 -4.68 5.65 -2.99
C THR D 69 -3.76 4.47 -2.77
N LEU D 70 -2.64 4.44 -3.49
CA LEU D 70 -1.61 3.43 -3.27
C LEU D 70 -0.67 4.02 -2.22
N ARG D 71 -0.57 3.36 -1.07
CA ARG D 71 0.31 3.79 0.02
C ARG D 71 1.51 2.85 0.03
N LEU D 72 2.71 3.40 -0.05
CA LEU D 72 3.91 2.59 -0.13
C LEU D 72 4.85 3.04 0.98
N VAL D 73 5.32 2.11 1.79
CA VAL D 73 6.26 2.42 2.86
C VAL D 73 7.54 1.65 2.60
N VAL D 74 8.67 2.34 2.58
CA VAL D 74 9.98 1.71 2.44
C VAL D 74 10.74 1.99 3.72
N ASP D 75 11.10 0.94 4.46
CA ASP D 75 11.73 1.07 5.76
C ASP D 75 13.08 0.36 5.73
N PRO D 76 14.16 1.07 5.41
CA PRO D 76 15.50 0.46 5.38
C PRO D 76 16.07 0.35 6.78
N ARG D 77 16.28 -0.87 7.23
CA ARG D 77 16.92 -1.14 8.49
C ARG D 77 18.33 -1.70 8.24
N LYS D 78 19.06 -1.93 9.33
CA LYS D 78 20.36 -2.57 9.19
C LYS D 78 20.20 -3.98 8.67
N ASP D 79 19.46 -4.81 9.41
CA ASP D 79 19.23 -6.19 9.01
C ASP D 79 18.60 -6.28 7.61
N GLU D 80 17.56 -5.49 7.38
CA GLU D 80 16.61 -5.78 6.32
C GLU D 80 16.03 -4.48 5.80
N VAL D 81 15.38 -4.58 4.64
CA VAL D 81 14.50 -3.55 4.12
C VAL D 81 13.10 -4.13 4.09
N VAL D 82 12.16 -3.41 4.70
CA VAL D 82 10.75 -3.78 4.68
C VAL D 82 10.03 -2.82 3.74
N VAL D 83 9.25 -3.38 2.82
CA VAL D 83 8.43 -2.57 1.90
C VAL D 83 6.98 -3.01 2.07
N GLU D 84 6.10 -2.07 2.42
CA GLU D 84 4.67 -2.31 2.54
C GLU D 84 3.92 -1.52 1.49
N ALA D 85 2.99 -2.16 0.79
CA ALA D 85 2.11 -1.42 -0.11
C ALA D 85 0.67 -1.86 0.10
N SER D 86 -0.26 -0.92 -0.07
CA SER D 86 -1.67 -1.23 0.17
C SER D 86 -2.53 -0.21 -0.57
N ALA D 87 -3.76 -0.63 -0.84
CA ALA D 87 -4.75 0.21 -1.51
C ALA D 87 -6.11 -0.43 -1.30
N ALA D 88 -7.17 0.39 -1.40
CA ALA D 88 -8.53 -0.16 -1.46
C ALA D 88 -8.71 -0.90 -2.77
N CYS D 89 -9.05 -2.19 -2.68
CA CYS D 89 -9.12 -3.08 -3.83
C CYS D 89 -10.50 -3.72 -3.93
N ASP D 90 -10.78 -4.31 -5.08
CA ASP D 90 -12.10 -4.89 -5.34
C ASP D 90 -12.21 -6.37 -4.96
N THR D 91 -11.20 -6.97 -4.35
CA THR D 91 -11.35 -8.31 -3.82
C THR D 91 -10.57 -8.40 -2.53
N HIS D 92 -10.80 -9.48 -1.79
CA HIS D 92 -10.14 -9.61 -0.50
C HIS D 92 -8.75 -10.19 -0.60
N ASP D 93 -8.26 -10.51 -1.79
CA ASP D 93 -6.94 -11.10 -1.92
C ASP D 93 -6.47 -10.88 -3.34
N VAL D 94 -5.50 -9.97 -3.55
N VAL D 94 -5.49 -9.99 -3.51
CA VAL D 94 -5.05 -9.72 -4.91
CA VAL D 94 -5.00 -9.65 -4.83
C VAL D 94 -3.90 -10.63 -5.31
C VAL D 94 -3.92 -10.64 -5.30
N VAL D 95 -3.34 -11.42 -4.40
CA VAL D 95 -2.27 -12.34 -4.77
C VAL D 95 -2.57 -13.70 -4.16
N ALA D 96 -3.49 -14.46 -4.77
CA ALA D 96 -4.01 -15.67 -4.16
C ALA D 96 -2.92 -16.73 -3.96
N PRO D 97 -3.04 -17.56 -2.92
CA PRO D 97 -2.03 -18.60 -2.66
C PRO D 97 -1.66 -19.47 -3.84
N GLY D 98 -2.60 -19.80 -4.71
CA GLY D 98 -2.11 -20.62 -5.82
C GLY D 98 -1.51 -19.90 -7.02
N SER D 99 -1.38 -18.56 -6.97
CA SER D 99 -1.14 -17.78 -8.17
C SER D 99 0.34 -17.75 -8.55
N PHE D 100 0.59 -17.48 -9.83
CA PHE D 100 1.95 -17.20 -10.25
C PHE D 100 2.49 -15.96 -9.54
N SER D 101 1.64 -14.94 -9.36
CA SER D 101 2.10 -13.72 -8.70
C SER D 101 2.59 -14.00 -7.28
N TRP D 102 1.88 -14.84 -6.52
CA TRP D 102 2.36 -15.18 -5.17
C TRP D 102 3.67 -15.95 -5.22
N HIS D 103 3.81 -16.86 -6.19
CA HIS D 103 5.07 -17.58 -6.36
C HIS D 103 6.20 -16.62 -6.64
N VAL D 104 5.96 -15.60 -7.46
CA VAL D 104 7.01 -14.64 -7.82
C VAL D 104 7.44 -13.86 -6.57
N LEU D 105 6.47 -13.37 -5.81
CA LEU D 105 6.80 -12.58 -4.63
C LEU D 105 7.58 -13.41 -3.62
N THR D 106 7.16 -14.65 -3.37
CA THR D 106 7.85 -15.45 -2.36
C THR D 106 9.22 -15.92 -2.85
N ALA D 107 9.46 -15.92 -4.17
CA ALA D 107 10.81 -16.20 -4.69
C ALA D 107 11.73 -15.01 -4.54
N LEU D 108 11.22 -13.79 -4.74
CA LEU D 108 12.04 -12.60 -4.81
C LEU D 108 12.35 -12.01 -3.44
N ALA D 109 11.48 -12.20 -2.46
CA ALA D 109 11.65 -11.59 -1.15
C ALA D 109 11.82 -12.69 -0.10
N ASP D 110 12.51 -12.35 0.99
CA ASP D 110 12.75 -13.35 2.03
C ASP D 110 11.48 -13.66 2.82
N ASP D 111 10.60 -12.69 2.95
CA ASP D 111 9.34 -12.89 3.65
C ASP D 111 8.30 -12.06 2.92
N VAL D 112 7.10 -12.61 2.77
CA VAL D 112 5.95 -11.95 2.17
C VAL D 112 4.77 -12.15 3.09
N GLN D 113 4.09 -11.07 3.48
CA GLN D 113 2.88 -11.18 4.32
C GLN D 113 1.79 -10.31 3.71
N THR D 114 0.53 -10.64 4.00
CA THR D 114 -0.55 -9.81 3.50
C THR D 114 -1.40 -9.36 4.68
N PHE D 115 -2.24 -8.36 4.42
CA PHE D 115 -3.18 -7.94 5.46
C PHE D 115 -4.46 -7.40 4.84
N HIS D 116 -5.58 -7.69 5.49
CA HIS D 116 -6.89 -7.29 5.04
C HIS D 116 -7.89 -7.62 6.14
N ASP D 117 -8.79 -6.68 6.42
CA ASP D 117 -9.86 -6.94 7.39
C ASP D 117 -11.15 -6.36 6.80
N GLY D 118 -11.94 -7.22 6.15
CA GLY D 118 -13.16 -6.78 5.50
C GLY D 118 -14.28 -6.42 6.45
N ARG D 119 -14.12 -6.69 7.74
CA ARG D 119 -15.12 -6.27 8.70
C ARG D 119 -15.08 -4.77 8.98
N GLN D 120 -13.94 -4.13 8.73
CA GLN D 120 -13.78 -2.71 9.03
C GLN D 120 -14.77 -1.89 8.21
N PRO D 121 -15.27 -0.77 8.75
CA PRO D 121 -16.24 0.03 8.00
C PRO D 121 -15.61 0.84 6.89
N ASP D 122 -16.41 1.12 5.86
CA ASP D 122 -16.06 2.05 4.78
C ASP D 122 -14.82 1.53 4.05
N VAL D 123 -13.99 2.46 3.54
CA VAL D 123 -12.90 2.08 2.64
C VAL D 123 -11.88 1.23 3.37
N ALA D 124 -11.75 1.42 4.69
CA ALA D 124 -10.82 0.61 5.48
C ALA D 124 -11.07 -0.88 5.27
N GLY D 125 -12.35 -1.27 5.16
CA GLY D 125 -12.67 -2.67 4.91
C GLY D 125 -12.30 -3.15 3.52
N SER D 126 -11.96 -2.25 2.60
CA SER D 126 -11.58 -2.63 1.24
C SER D 126 -10.07 -2.69 1.04
N VAL D 127 -9.30 -2.20 2.00
CA VAL D 127 -7.85 -2.15 1.86
C VAL D 127 -7.26 -3.54 1.88
N PHE D 128 -6.38 -3.82 0.92
CA PHE D 128 -5.56 -5.01 0.90
C PHE D 128 -4.11 -4.56 0.85
N GLY D 129 -3.25 -5.21 1.63
CA GLY D 129 -1.84 -4.85 1.66
C GLY D 129 -0.93 -6.05 1.59
N ILE D 130 0.30 -5.79 1.13
CA ILE D 130 1.35 -6.80 1.02
C ILE D 130 2.62 -6.21 1.62
N THR D 131 3.32 -6.99 2.43
CA THR D 131 4.59 -6.53 3.00
C THR D 131 5.69 -7.46 2.53
N LEU D 132 6.77 -6.89 1.99
CA LEU D 132 7.91 -7.64 1.50
C LEU D 132 9.09 -7.35 2.42
N THR D 133 9.84 -8.39 2.81
CA THR D 133 11.06 -8.18 3.58
C THR D 133 12.25 -8.81 2.88
N ALA D 134 13.30 -8.01 2.69
CA ALA D 134 14.55 -8.45 2.09
C ALA D 134 15.65 -8.30 3.12
N ARG D 135 16.46 -9.34 3.30
CA ARG D 135 17.56 -9.32 4.26
C ARG D 135 18.89 -9.36 3.51
N VAL E 1 26.14 49.63 -3.04
CA VAL E 1 25.36 48.82 -2.10
C VAL E 1 24.20 49.69 -1.60
N ASP E 2 23.05 49.56 -2.26
CA ASP E 2 21.82 50.19 -1.81
C ASP E 2 21.13 49.26 -0.83
N ALA E 3 20.87 49.77 0.38
CA ALA E 3 20.41 48.92 1.49
C ALA E 3 18.92 48.65 1.34
N GLY E 4 18.60 47.61 0.57
CA GLY E 4 17.25 47.06 0.57
C GLY E 4 16.92 46.29 1.82
N LEU E 5 17.81 46.31 2.80
CA LEU E 5 17.61 45.63 4.08
C LEU E 5 16.50 46.27 4.90
N ASP E 6 15.90 47.36 4.42
CA ASP E 6 14.74 47.93 5.09
C ASP E 6 13.47 47.10 4.88
N GLN E 7 13.56 45.98 4.16
CA GLN E 7 12.46 45.04 4.02
C GLN E 7 12.41 44.04 5.18
N ILE E 8 13.55 43.79 5.81
CA ILE E 8 13.70 42.85 6.91
C ILE E 8 13.49 43.60 8.21
N GLU E 9 12.99 42.90 9.23
CA GLU E 9 12.81 43.54 10.54
C GLU E 9 14.09 43.51 11.37
N ASN E 10 14.84 42.42 11.33
CA ASN E 10 16.12 42.34 12.03
C ASN E 10 17.28 42.74 11.13
N ARG E 11 17.16 43.87 10.43
CA ARG E 11 18.19 44.24 9.46
C ARG E 11 19.54 44.42 10.14
N GLU E 12 19.56 44.99 11.35
CA GLU E 12 20.83 45.18 12.05
C GLU E 12 21.45 43.85 12.47
N VAL E 13 20.63 42.84 12.74
CA VAL E 13 21.15 41.49 12.92
C VAL E 13 21.67 40.94 11.59
N LEU E 14 20.93 41.17 10.50
CA LEU E 14 21.27 40.53 9.24
C LEU E 14 22.49 41.16 8.57
N ARG E 15 22.65 42.48 8.71
CA ARG E 15 23.71 43.17 7.97
C ARG E 15 25.11 42.60 8.20
N PRO E 16 25.58 42.41 9.44
CA PRO E 16 26.94 41.86 9.58
C PRO E 16 27.07 40.45 9.03
N LEU E 17 25.98 39.67 9.03
CA LEU E 17 26.05 38.34 8.43
C LEU E 17 26.29 38.43 6.93
N LEU E 18 25.63 39.37 6.26
CA LEU E 18 25.86 39.54 4.82
C LEU E 18 27.27 40.04 4.55
N GLU E 19 27.77 40.91 5.41
CA GLU E 19 29.11 41.47 5.26
C GLU E 19 30.18 40.40 5.39
N ALA E 20 29.94 39.38 6.22
CA ALA E 20 30.92 38.33 6.44
C ALA E 20 30.96 37.31 5.30
N LEU E 21 29.98 37.30 4.41
CA LEU E 21 30.01 36.37 3.29
C LEU E 21 31.15 36.75 2.34
N PRO E 22 31.73 35.78 1.63
CA PRO E 22 32.67 36.10 0.55
C PRO E 22 32.05 37.09 -0.42
N GLU E 23 32.90 37.94 -1.02
CA GLU E 23 32.36 39.06 -1.80
C GLU E 23 31.48 38.58 -2.94
N ARG E 24 31.92 37.56 -3.69
CA ARG E 24 31.09 37.11 -4.81
C ARG E 24 29.77 36.52 -4.33
N GLU E 25 29.76 35.76 -3.24
CA GLU E 25 28.48 35.28 -2.71
C GLU E 25 27.59 36.46 -2.32
N ARG E 26 28.18 37.48 -1.67
CA ARG E 26 27.40 38.62 -1.21
C ARG E 26 26.75 39.34 -2.38
N THR E 27 27.55 39.62 -3.42
CA THR E 27 27.02 40.31 -4.59
C THR E 27 25.85 39.54 -5.20
N VAL E 28 26.03 38.23 -5.37
CA VAL E 28 25.00 37.40 -6.00
C VAL E 28 23.74 37.38 -5.13
N LEU E 29 23.92 37.20 -3.83
CA LEU E 29 22.77 37.15 -2.92
C LEU E 29 22.01 38.46 -2.91
N VAL E 30 22.73 39.59 -2.84
CA VAL E 30 22.07 40.88 -2.80
C VAL E 30 21.32 41.15 -4.10
N LEU E 31 21.92 40.80 -5.24
CA LEU E 31 21.24 41.00 -6.51
C LEU E 31 19.96 40.19 -6.58
N ARG E 32 20.00 38.94 -6.16
CA ARG E 32 18.81 38.09 -6.24
C ARG E 32 17.70 38.58 -5.31
N PHE E 33 18.03 38.93 -4.07
CA PHE E 33 17.00 39.14 -3.07
C PHE E 33 16.71 40.60 -2.74
N PHE E 34 17.62 41.53 -3.05
CA PHE E 34 17.34 42.93 -2.80
C PHE E 34 17.28 43.78 -4.05
N ASP E 35 17.71 43.26 -5.20
CA ASP E 35 17.51 43.93 -6.48
C ASP E 35 16.55 43.16 -7.37
N SER E 36 15.94 42.10 -6.84
CA SER E 36 14.95 41.27 -7.55
C SER E 36 15.44 40.81 -8.93
N MET E 37 16.73 40.53 -9.06
CA MET E 37 17.27 40.11 -10.35
C MET E 37 17.11 38.60 -10.48
N THR E 38 16.72 38.12 -11.67
CA THR E 38 16.64 36.68 -11.87
C THR E 38 18.03 36.06 -11.87
N GLN E 39 18.09 34.74 -11.74
CA GLN E 39 19.40 34.07 -11.70
C GLN E 39 20.14 34.25 -13.02
N THR E 40 19.42 34.23 -14.14
CA THR E 40 20.08 34.45 -15.43
C THR E 40 20.54 35.92 -15.57
N GLN E 41 19.72 36.88 -15.13
CA GLN E 41 20.18 38.27 -15.10
C GLN E 41 21.43 38.42 -14.23
N ILE E 42 21.52 37.68 -13.14
CA ILE E 42 22.70 37.77 -12.27
C ILE E 42 23.92 37.22 -12.99
N ALA E 43 23.76 36.08 -13.67
CA ALA E 43 24.88 35.49 -14.38
C ALA E 43 25.43 36.46 -15.43
N GLU E 44 24.52 37.10 -16.19
CA GLU E 44 24.93 38.07 -17.20
C GLU E 44 25.56 39.31 -16.58
N ARG E 45 25.06 39.75 -15.43
CA ARG E 45 25.61 40.93 -14.78
C ARG E 45 27.00 40.64 -14.21
N VAL E 46 27.19 39.47 -13.61
CA VAL E 46 28.40 39.18 -12.86
C VAL E 46 29.47 38.49 -13.71
N GLY E 47 29.09 37.89 -14.84
CA GLY E 47 30.09 37.25 -15.66
C GLY E 47 30.43 35.84 -15.22
N ILE E 48 29.45 35.10 -14.72
CA ILE E 48 29.62 33.72 -14.32
C ILE E 48 28.48 32.90 -14.91
N SER E 49 28.62 31.60 -14.86
CA SER E 49 27.63 30.69 -15.41
C SER E 49 26.36 30.67 -14.55
N GLN E 50 25.27 30.19 -15.16
CA GLN E 50 24.02 30.04 -14.43
C GLN E 50 24.17 29.04 -13.29
N MET E 51 24.84 27.91 -13.55
CA MET E 51 25.06 26.93 -12.49
C MET E 51 25.89 27.52 -11.36
N HIS E 52 26.89 28.34 -11.71
CA HIS E 52 27.66 29.02 -10.69
C HIS E 52 26.78 29.93 -9.82
N VAL E 53 25.90 30.72 -10.44
CA VAL E 53 24.99 31.54 -9.63
C VAL E 53 24.22 30.66 -8.65
N SER E 54 23.67 29.54 -9.15
CA SER E 54 22.84 28.69 -8.31
C SER E 54 23.63 28.13 -7.14
N ARG E 55 24.87 27.69 -7.40
CA ARG E 55 25.70 27.14 -6.32
C ARG E 55 26.02 28.20 -5.28
N LEU E 56 26.37 29.41 -5.73
CA LEU E 56 26.65 30.49 -4.78
C LEU E 56 25.43 30.77 -3.89
N LEU E 57 24.25 30.89 -4.49
CA LEU E 57 23.06 31.18 -3.70
C LEU E 57 22.75 30.06 -2.71
N ALA E 58 22.90 28.79 -3.13
CA ALA E 58 22.64 27.68 -2.21
C ALA E 58 23.60 27.72 -1.03
N LYS E 59 24.87 28.02 -1.31
CA LYS E 59 25.88 28.10 -0.27
C LYS E 59 25.57 29.20 0.73
N SER E 60 25.21 30.40 0.21
CA SER E 60 24.91 31.52 1.10
C SER E 60 23.64 31.29 1.90
N LEU E 61 22.59 30.80 1.27
CA LEU E 61 21.35 30.59 2.02
C LEU E 61 21.53 29.55 3.12
N ALA E 62 22.34 28.53 2.87
CA ALA E 62 22.54 27.50 3.90
C ALA E 62 23.34 28.06 5.06
N ARG E 63 24.35 28.87 4.76
CA ARG E 63 25.13 29.52 5.81
C ARG E 63 24.24 30.46 6.63
N LEU E 64 23.43 31.27 5.96
CA LEU E 64 22.58 32.19 6.69
C LEU E 64 21.53 31.48 7.51
N ARG E 65 20.94 30.39 6.98
CA ARG E 65 20.02 29.60 7.80
C ARG E 65 20.67 29.17 9.10
N ASP E 66 21.94 28.77 9.00
CA ASP E 66 22.65 28.29 10.19
C ASP E 66 22.89 29.40 11.21
N GLN E 67 23.00 30.64 10.76
CA GLN E 67 23.26 31.74 11.68
C GLN E 67 21.98 32.45 12.11
N LEU E 68 20.85 32.16 11.46
CA LEU E 68 19.59 32.80 11.79
C LEU E 68 18.60 31.78 12.32
N GLU E 69 18.96 31.15 13.42
CA GLU E 69 18.14 30.21 14.18
C GLU E 69 18.28 28.84 13.52
N LEU F 4 -6.55 15.65 5.03
CA LEU F 4 -5.92 16.73 4.22
C LEU F 4 -6.72 16.93 2.94
N ASN F 5 -6.21 17.77 2.05
CA ASN F 5 -6.92 18.03 0.76
C ASN F 5 -6.42 17.06 -0.31
N TRP F 6 -6.08 15.83 0.08
CA TRP F 6 -5.55 14.83 -0.88
C TRP F 6 -6.55 14.66 -2.02
N MET F 7 -7.84 14.72 -1.68
CA MET F 7 -8.89 14.57 -2.71
C MET F 7 -8.82 15.74 -3.71
N GLN F 8 -8.29 16.90 -3.30
CA GLN F 8 -8.27 18.07 -4.20
C GLN F 8 -7.03 18.04 -5.10
N ARG F 9 -6.08 17.16 -4.80
CA ARG F 9 -4.80 17.14 -5.58
C ARG F 9 -5.01 16.48 -6.95
N GLY F 10 -4.11 16.74 -7.88
CA GLY F 10 -4.18 16.14 -9.21
C GLY F 10 -3.74 14.68 -9.21
N VAL F 11 -3.99 14.00 -10.33
CA VAL F 11 -3.78 12.56 -10.41
C VAL F 11 -2.31 12.21 -10.24
N ARG F 12 -1.40 13.09 -10.62
CA ARG F 12 0.02 12.80 -10.52
C ARG F 12 0.64 13.39 -9.26
N ALA F 13 -0.18 13.79 -8.30
CA ALA F 13 0.37 14.29 -7.03
C ALA F 13 0.97 13.15 -6.22
N VAL F 14 2.01 13.48 -5.46
CA VAL F 14 2.70 12.52 -4.59
C VAL F 14 2.83 13.13 -3.21
N GLU F 15 2.44 12.38 -2.19
CA GLU F 15 2.71 12.77 -0.81
C GLU F 15 3.86 11.93 -0.27
N LEU F 16 4.85 12.59 0.31
CA LEU F 16 6.00 11.93 0.92
C LEU F 16 5.96 12.22 2.41
N ASN F 17 6.27 11.22 3.23
CA ASN F 17 6.38 11.44 4.68
C ASN F 17 7.67 10.82 5.17
N VAL F 18 8.48 11.58 5.90
CA VAL F 18 9.69 11.07 6.52
C VAL F 18 9.75 11.65 7.92
N ALA F 19 10.49 10.98 8.80
CA ALA F 19 10.73 11.57 10.12
C ALA F 19 11.40 12.92 9.93
N ALA F 20 10.95 13.91 10.69
CA ALA F 20 11.45 15.29 10.55
C ALA F 20 12.84 15.37 11.17
N ARG F 21 13.82 14.86 10.43
CA ARG F 21 15.21 14.79 10.85
C ARG F 21 16.07 15.17 9.67
N LEU F 22 17.08 16.00 9.91
CA LEU F 22 17.84 16.53 8.77
C LEU F 22 18.56 15.46 7.98
N GLU F 23 18.88 14.32 8.61
CA GLU F 23 19.54 13.24 7.90
C GLU F 23 18.68 12.70 6.75
N ASN F 24 17.37 12.96 6.79
CA ASN F 24 16.46 12.47 5.74
C ASN F 24 16.30 13.45 4.57
N LEU F 25 16.91 14.63 4.64
CA LEU F 25 16.72 15.60 3.56
C LEU F 25 17.33 15.14 2.25
N ALA F 26 18.46 14.42 2.30
CA ALA F 26 19.07 13.96 1.07
C ALA F 26 18.10 13.05 0.32
N LEU F 27 17.52 12.07 1.03
CA LEU F 27 16.52 11.20 0.42
C LEU F 27 15.36 12.02 -0.12
N LEU F 28 14.87 12.97 0.68
CA LEU F 28 13.71 13.75 0.28
C LEU F 28 13.98 14.53 -0.99
N ARG F 29 15.16 15.17 -1.06
CA ARG F 29 15.55 15.90 -2.27
C ARG F 29 15.58 14.98 -3.49
N THR F 30 16.18 13.79 -3.34
CA THR F 30 16.19 12.83 -4.44
C THR F 30 14.76 12.50 -4.89
N LEU F 31 13.86 12.29 -3.94
CA LEU F 31 12.51 11.90 -4.30
C LEU F 31 11.75 13.06 -4.93
N VAL F 32 11.93 14.27 -4.41
CA VAL F 32 11.28 15.45 -5.01
C VAL F 32 11.68 15.58 -6.47
N GLY F 33 12.95 15.37 -6.79
CA GLY F 33 13.37 15.38 -8.18
C GLY F 33 12.72 14.28 -9.00
N ALA F 34 12.65 13.07 -8.43
CA ALA F 34 12.13 11.94 -9.19
C ALA F 34 10.62 12.03 -9.39
N ILE F 35 9.92 12.82 -8.58
CA ILE F 35 8.48 13.03 -8.78
C ILE F 35 8.21 13.77 -10.08
N GLY F 36 9.17 14.54 -10.60
CA GLY F 36 8.94 15.39 -11.76
C GLY F 36 8.63 16.83 -11.41
N THR F 37 8.87 17.27 -10.18
N THR F 37 8.90 17.23 -10.18
CA THR F 37 8.40 18.60 -9.78
CA THR F 37 8.57 18.54 -9.64
C THR F 37 9.06 19.71 -10.59
C THR F 37 9.08 19.67 -10.52
N PHE F 38 10.27 19.48 -11.10
CA PHE F 38 11.01 20.53 -11.78
C PHE F 38 10.86 20.48 -13.29
N GLU F 39 10.12 19.51 -13.82
CA GLU F 39 9.89 19.45 -15.24
C GLU F 39 8.93 20.55 -15.70
N ASP F 40 9.13 20.99 -16.93
CA ASP F 40 8.29 21.99 -17.59
C ASP F 40 8.36 23.35 -16.93
N LEU F 41 9.38 23.60 -16.12
CA LEU F 41 9.66 24.93 -15.58
C LEU F 41 10.90 25.47 -16.26
N ASP F 42 10.94 26.80 -16.48
CA ASP F 42 12.14 27.33 -17.11
C ASP F 42 13.30 27.29 -16.11
N PHE F 43 14.50 27.58 -16.62
N PHE F 43 14.51 27.52 -16.64
CA PHE F 43 15.71 27.29 -15.84
CA PHE F 43 15.72 27.32 -15.83
C PHE F 43 15.81 28.13 -14.57
C PHE F 43 15.65 28.09 -14.53
N ASP F 44 15.38 29.39 -14.61
CA ASP F 44 15.46 30.23 -13.41
C ASP F 44 14.45 29.76 -12.38
N ALA F 45 13.26 29.37 -12.85
CA ALA F 45 12.22 28.92 -11.92
C ALA F 45 12.62 27.62 -11.23
N VAL F 46 13.28 26.72 -11.96
CA VAL F 46 13.75 25.48 -11.35
C VAL F 46 14.80 25.77 -10.29
N ALA F 47 15.81 26.58 -10.62
CA ALA F 47 16.87 26.88 -9.65
C ALA F 47 16.30 27.55 -8.42
N ASP F 48 15.32 28.43 -8.61
CA ASP F 48 14.72 29.15 -7.50
C ASP F 48 13.88 28.22 -6.64
N LEU F 49 13.14 27.32 -7.28
CA LEU F 49 12.29 26.43 -6.50
C LEU F 49 13.13 25.41 -5.72
N ARG F 50 14.24 24.94 -6.28
CA ARG F 50 15.12 24.05 -5.51
C ARG F 50 15.61 24.74 -4.25
N LEU F 51 16.03 26.00 -4.35
CA LEU F 51 16.42 26.80 -3.19
C LEU F 51 15.29 26.93 -2.17
N ALA F 52 14.09 27.24 -2.67
CA ALA F 52 12.95 27.45 -1.76
C ALA F 52 12.60 26.19 -0.99
N VAL F 53 12.60 25.04 -1.67
CA VAL F 53 12.27 23.78 -1.00
C VAL F 53 13.31 23.46 0.07
N ASP F 54 14.60 23.70 -0.21
CA ASP F 54 15.63 23.49 0.80
C ASP F 54 15.44 24.41 1.99
N GLU F 55 15.12 25.68 1.72
CA GLU F 55 14.85 26.60 2.82
C GLU F 55 13.67 26.13 3.66
N VAL F 56 12.59 25.74 3.02
CA VAL F 56 11.39 25.34 3.74
C VAL F 56 11.64 24.07 4.58
N CYS F 57 12.21 23.05 3.95
CA CYS F 57 12.37 21.78 4.66
C CYS F 57 13.38 21.91 5.81
N THR F 58 14.49 22.63 5.60
CA THR F 58 15.43 22.80 6.71
C THR F 58 14.78 23.53 7.89
N ARG F 59 14.07 24.62 7.62
CA ARG F 59 13.47 25.38 8.72
C ARG F 59 12.37 24.60 9.42
N LEU F 60 11.52 23.89 8.68
CA LEU F 60 10.52 23.05 9.32
C LEU F 60 11.18 22.00 10.22
N ILE F 61 12.19 21.30 9.71
CA ILE F 61 12.80 20.25 10.53
C ILE F 61 13.44 20.86 11.77
N ARG F 62 14.10 22.01 11.62
CA ARG F 62 14.74 22.61 12.78
C ARG F 62 13.76 23.08 13.84
N SER F 63 12.51 23.32 13.48
CA SER F 63 11.49 23.69 14.46
C SER F 63 10.60 22.51 14.85
N ALA F 64 10.87 21.32 14.30
CA ALA F 64 9.96 20.20 14.46
C ALA F 64 10.02 19.63 15.88
N LEU F 65 8.87 19.14 16.35
CA LEU F 65 8.84 18.49 17.64
C LEU F 65 9.57 17.15 17.58
N PRO F 66 10.03 16.65 18.72
CA PRO F 66 10.57 15.28 18.76
C PRO F 66 9.54 14.34 18.15
N ASP F 67 10.03 13.44 17.31
CA ASP F 67 9.22 12.39 16.71
C ASP F 67 8.20 12.93 15.70
N ALA F 68 8.33 14.19 15.29
CA ALA F 68 7.43 14.69 14.26
C ALA F 68 7.74 14.09 12.90
N THR F 69 6.75 14.13 12.01
CA THR F 69 6.86 13.71 10.62
C THR F 69 6.87 14.92 9.70
N LEU F 70 7.79 14.94 8.74
CA LEU F 70 7.77 15.99 7.72
C LEU F 70 6.95 15.47 6.55
N ARG F 71 5.86 16.15 6.25
CA ARG F 71 4.98 15.73 5.16
C ARG F 71 5.17 16.68 4.00
N LEU F 72 5.44 16.13 2.81
CA LEU F 72 5.70 16.98 1.65
C LEU F 72 4.83 16.48 0.51
N VAL F 73 3.97 17.35 -0.02
CA VAL F 73 3.07 17.01 -1.12
C VAL F 73 3.53 17.77 -2.34
N VAL F 74 3.76 17.07 -3.44
CA VAL F 74 4.08 17.71 -4.71
C VAL F 74 2.89 17.50 -5.62
N ASP F 75 2.30 18.59 -6.10
CA ASP F 75 1.16 18.46 -7.02
C ASP F 75 1.50 19.13 -8.34
N PRO F 76 1.96 18.38 -9.33
CA PRO F 76 2.23 18.96 -10.66
C PRO F 76 0.95 19.15 -11.45
N ARG F 77 0.46 20.39 -11.48
CA ARG F 77 -0.81 20.67 -12.20
C ARG F 77 -0.46 21.16 -13.62
N LYS F 78 -1.44 21.70 -14.34
CA LYS F 78 -1.21 22.06 -15.76
C LYS F 78 -0.60 23.44 -15.91
N ASP F 79 -0.95 24.36 -15.02
N ASP F 79 -0.95 24.36 -15.02
CA ASP F 79 -0.45 25.76 -15.14
CA ASP F 79 -0.45 25.76 -15.14
C ASP F 79 0.45 26.12 -13.95
C ASP F 79 0.48 26.10 -13.97
N GLU F 80 0.71 25.13 -13.08
CA GLU F 80 1.55 25.38 -11.89
C GLU F 80 2.02 24.12 -11.18
N VAL F 81 3.11 24.24 -10.44
CA VAL F 81 3.56 23.12 -9.57
C VAL F 81 3.39 23.62 -8.13
N VAL F 82 2.69 22.85 -7.29
CA VAL F 82 2.51 23.22 -5.90
C VAL F 82 3.35 22.28 -5.04
N VAL F 83 4.14 22.85 -4.12
CA VAL F 83 4.93 22.04 -3.18
C VAL F 83 4.51 22.48 -1.78
N GLU F 84 3.92 21.57 -1.02
CA GLU F 84 3.47 21.89 0.34
C GLU F 84 4.19 21.03 1.36
N ALA F 85 4.74 21.66 2.40
CA ALA F 85 5.49 20.96 3.43
C ALA F 85 4.94 21.33 4.78
N SER F 86 4.88 20.37 5.70
CA SER F 86 4.34 20.68 7.03
C SER F 86 4.90 19.69 8.03
N ALA F 87 4.90 20.09 9.31
CA ALA F 87 5.30 19.23 10.39
C ALA F 87 4.77 19.82 11.70
N ALA F 88 4.57 18.96 12.69
CA ALA F 88 4.30 19.44 14.05
C ALA F 88 5.55 20.16 14.57
N CYS F 89 5.40 21.44 14.92
CA CYS F 89 6.51 22.31 15.31
C CYS F 89 6.31 22.87 16.70
N ASP F 90 7.38 23.45 17.25
CA ASP F 90 7.35 24.02 18.58
C ASP F 90 7.03 25.52 18.55
N THR F 91 6.61 26.03 17.41
CA THR F 91 6.32 27.45 17.30
C THR F 91 5.15 27.60 16.35
N HIS F 92 4.41 28.70 16.51
CA HIS F 92 3.26 28.94 15.64
C HIS F 92 3.64 29.54 14.30
N ASP F 93 4.92 29.84 14.08
CA ASP F 93 5.28 30.45 12.79
C ASP F 93 6.76 30.22 12.56
N VAL F 94 7.09 29.34 11.64
CA VAL F 94 8.49 29.01 11.36
C VAL F 94 9.16 30.05 10.45
N VAL F 95 8.38 30.85 9.72
CA VAL F 95 8.92 31.84 8.79
C VAL F 95 8.24 33.18 9.01
N ALA F 96 8.66 33.94 10.02
CA ALA F 96 7.92 35.13 10.41
C ALA F 96 7.93 36.20 9.31
N PRO F 97 6.85 36.99 9.22
CA PRO F 97 6.74 37.99 8.14
C PRO F 97 7.93 38.93 8.03
N GLY F 98 8.53 39.34 9.13
CA GLY F 98 9.66 40.23 8.92
C GLY F 98 11.01 39.55 8.76
N SER F 99 11.05 38.24 8.59
CA SER F 99 12.32 37.53 8.59
C SER F 99 12.95 37.51 7.20
N PHE F 100 14.27 37.34 7.18
CA PHE F 100 14.98 37.11 5.92
C PHE F 100 14.42 35.89 5.21
N SER F 101 14.18 34.81 5.97
CA SER F 101 13.61 33.59 5.39
C SER F 101 12.33 33.85 4.61
N TRP F 102 11.38 34.59 5.21
CA TRP F 102 10.14 34.90 4.48
C TRP F 102 10.43 35.72 3.24
N HIS F 103 11.35 36.67 3.34
CA HIS F 103 11.73 37.50 2.20
C HIS F 103 12.27 36.61 1.08
N VAL F 104 13.10 35.62 1.44
CA VAL F 104 13.68 34.69 0.47
C VAL F 104 12.58 33.87 -0.21
N LEU F 105 11.69 33.26 0.58
CA LEU F 105 10.64 32.43 -0.01
C LEU F 105 9.76 33.24 -0.96
N THR F 106 9.36 34.45 -0.55
N THR F 106 9.34 34.44 -0.55
CA THR F 106 8.47 35.23 -1.41
CA THR F 106 8.45 35.22 -1.42
C THR F 106 9.16 35.66 -2.70
C THR F 106 9.16 35.76 -2.66
N ALA F 107 10.50 35.79 -2.67
CA ALA F 107 11.23 36.10 -3.90
C ALA F 107 11.34 34.88 -4.81
N LEU F 108 11.50 33.68 -4.24
CA LEU F 108 11.81 32.49 -5.04
C LEU F 108 10.60 31.85 -5.68
N ALA F 109 9.43 31.99 -5.09
CA ALA F 109 8.25 31.31 -5.61
C ALA F 109 7.21 32.35 -6.03
N ASP F 110 6.36 31.97 -6.98
CA ASP F 110 5.30 32.88 -7.41
C ASP F 110 4.30 33.13 -6.30
N ASP F 111 4.08 32.14 -5.44
CA ASP F 111 3.15 32.33 -4.33
C ASP F 111 3.64 31.49 -3.18
N VAL F 112 3.49 32.05 -1.96
CA VAL F 112 3.85 31.37 -0.72
C VAL F 112 2.71 31.58 0.26
N GLN F 113 2.22 30.51 0.86
CA GLN F 113 1.17 30.59 1.88
C GLN F 113 1.56 29.74 3.06
N THR F 114 1.02 30.05 4.23
CA THR F 114 1.29 29.26 5.41
C THR F 114 -0.02 28.78 6.00
N PHE F 115 0.06 27.76 6.84
CA PHE F 115 -1.14 27.33 7.54
C PHE F 115 -0.79 26.80 8.92
N HIS F 116 -1.67 27.08 9.88
CA HIS F 116 -1.51 26.68 11.27
C HIS F 116 -2.81 26.98 11.98
N ASP F 117 -3.28 26.04 12.80
CA ASP F 117 -4.41 26.34 13.68
C ASP F 117 -4.14 25.70 15.03
N GLY F 118 -3.62 26.51 15.96
CA GLY F 118 -3.27 26.01 17.28
C GLY F 118 -4.46 25.68 18.17
N ARG F 119 -5.68 26.01 17.73
CA ARG F 119 -6.86 25.60 18.49
C ARG F 119 -7.14 24.12 18.37
N GLN F 120 -6.61 23.48 17.33
CA GLN F 120 -6.86 22.06 17.11
C GLN F 120 -6.22 21.25 18.24
N PRO F 121 -6.85 20.17 18.66
CA PRO F 121 -6.30 19.41 19.77
C PRO F 121 -5.14 18.53 19.35
N ASP F 122 -4.24 18.28 20.30
CA ASP F 122 -3.18 17.26 20.19
C ASP F 122 -2.22 17.69 19.08
N VAL F 123 -1.77 16.76 18.23
CA VAL F 123 -0.69 17.06 17.33
C VAL F 123 -1.14 18.03 16.24
N ALA F 124 -2.39 17.89 15.77
CA ALA F 124 -2.90 18.78 14.74
C ALA F 124 -2.68 20.25 15.10
N GLY F 125 -2.90 20.60 16.38
CA GLY F 125 -2.69 21.97 16.82
C GLY F 125 -1.24 22.44 16.74
N SER F 126 -0.30 21.52 16.56
CA SER F 126 1.11 21.89 16.52
C SER F 126 1.63 22.01 15.09
N VAL F 127 0.87 21.53 14.09
CA VAL F 127 1.34 21.52 12.72
C VAL F 127 1.48 22.93 12.18
N PHE F 128 2.60 23.20 11.52
CA PHE F 128 2.80 24.42 10.75
C PHE F 128 3.19 23.99 9.34
N GLY F 129 2.59 24.61 8.32
CA GLY F 129 2.89 24.27 6.95
C GLY F 129 3.12 25.49 6.08
N ILE F 130 3.84 25.25 4.99
CA ILE F 130 4.18 26.26 4.00
C ILE F 130 3.87 25.66 2.63
N THR F 131 3.23 26.45 1.76
N THR F 131 3.21 26.43 1.78
CA THR F 131 2.89 26.00 0.42
CA THR F 131 2.92 26.01 0.42
C THR F 131 3.56 26.92 -0.59
C THR F 131 3.62 26.93 -0.56
N LEU F 132 4.35 26.35 -1.50
CA LEU F 132 5.04 27.08 -2.54
C LEU F 132 4.37 26.77 -3.86
N THR F 133 4.15 27.78 -4.69
CA THR F 133 3.59 27.60 -6.02
C THR F 133 4.52 28.22 -7.05
N ALA F 134 4.90 27.44 -8.06
CA ALA F 134 5.66 27.93 -9.21
C ALA F 134 4.79 27.77 -10.46
N ARG F 135 4.55 28.87 -11.17
CA ARG F 135 3.72 28.81 -12.37
C ARG F 135 4.59 28.55 -13.59
N ARG F 136 4.03 27.80 -14.53
CA ARG F 136 4.80 27.29 -15.66
C ARG F 136 5.05 28.34 -16.77
#